data_1Y44
#
_entry.id   1Y44
#
_cell.length_a   42.980
_cell.length_b   188.330
_cell.length_c   177.910
_cell.angle_alpha   90.00
_cell.angle_beta   90.00
_cell.angle_gamma   90.00
#
_symmetry.space_group_name_H-M   'C 2 2 21'
#
loop_
_entity.id
_entity.type
_entity.pdbx_description
1 polymer 'Ribonuclease Z'
2 non-polymer 'ZINC ION'
3 non-polymer 'PHOSPHATE ION'
4 non-polymer GLYCEROL
5 non-polymer '2-(N-MORPHOLINO)-ETHANESULFONIC ACID'
6 water water
#
_entity_poly.entity_id   1
_entity_poly.type   'polypeptide(L)'
_entity_poly.pdbx_seq_one_letter_code
;(MSE)ELLFLGTGAGIPAKARNVTSVALKLLEERRSVWLFDCGEATQHQ(MSE)LHTTIKPRKIEKIFITH(MSE)HGDH
VYGLPGLLGSRSFQGGEDELTVYGPKGIKAFIETSLAVTKTHLTYPLAIQEIEEGIVFEDDQFIVTAVSVIHGVEAFGYR
VQEKDVPGSLKADVLKE(MSE)NIPPGPVYQKIKKGETVTLEDGRIINGNDFLEPPKKGRSVVFSGDTRVSDKLKELARD
CDV(MSE)VHEATFAKEDRKLAYDYYHSTTEQAAVTAKEARAKQLILTHISARYQGDASLELQKEAVDVFPNSVAAYDFL
EVNVPRGKLAAALEHHHHHH
;
_entity_poly.pdbx_strand_id   A,B
#
# COMPACT_ATOMS: atom_id res chain seq x y z
N GLU A 2 16.27 -4.56 -22.68
CA GLU A 2 16.24 -3.23 -22.06
C GLU A 2 15.87 -3.31 -20.60
N LEU A 3 16.28 -2.29 -19.85
CA LEU A 3 15.99 -2.20 -18.43
C LEU A 3 14.95 -1.09 -18.26
N LEU A 4 13.82 -1.42 -17.65
CA LEU A 4 12.78 -0.44 -17.41
C LEU A 4 12.61 -0.28 -15.91
N PHE A 5 12.98 0.88 -15.40
CA PHE A 5 12.88 1.13 -13.96
C PHE A 5 11.46 1.53 -13.56
N LEU A 6 10.81 0.66 -12.80
CA LEU A 6 9.44 0.90 -12.35
C LEU A 6 9.42 1.69 -11.05
N GLY A 7 10.37 1.37 -10.17
CA GLY A 7 10.47 2.08 -8.90
C GLY A 7 11.94 2.28 -8.57
N THR A 8 12.34 3.50 -8.25
CA THR A 8 13.74 3.79 -7.94
C THR A 8 13.98 4.37 -6.55
N GLY A 9 12.94 4.44 -5.73
CA GLY A 9 13.08 5.00 -4.39
C GLY A 9 13.46 4.04 -3.28
N ALA A 10 14.08 4.59 -2.24
CA ALA A 10 14.53 3.81 -1.10
C ALA A 10 13.58 3.84 0.10
N GLY A 11 13.48 2.71 0.80
CA GLY A 11 12.67 2.61 2.00
C GLY A 11 11.15 2.68 1.92
N ILE A 12 10.62 3.81 1.50
CA ILE A 12 9.18 3.96 1.40
C ILE A 12 8.79 4.75 0.17
N PRO A 13 7.54 4.58 -0.29
CA PRO A 13 7.03 5.28 -1.47
C PRO A 13 7.05 6.78 -1.29
N ALA A 14 7.30 7.49 -2.38
CA ALA A 14 7.31 8.95 -2.39
C ALA A 14 6.62 9.32 -3.68
N LYS A 15 6.04 10.52 -3.75
CA LYS A 15 5.37 10.92 -4.98
C LYS A 15 6.36 10.87 -6.16
N ALA A 16 7.61 11.19 -5.88
CA ALA A 16 8.65 11.22 -6.90
C ALA A 16 9.12 9.85 -7.37
N ARG A 17 9.31 8.93 -6.43
CA ARG A 17 9.77 7.60 -6.74
C ARG A 17 9.00 6.55 -5.94
N ASN A 18 8.67 5.45 -6.58
CA ASN A 18 7.99 4.37 -5.88
C ASN A 18 9.10 3.47 -5.37
N VAL A 19 8.75 2.53 -4.49
CA VAL A 19 9.74 1.60 -3.98
C VAL A 19 10.21 0.69 -5.12
N THR A 20 11.33 0.01 -4.88
CA THR A 20 12.01 -0.86 -5.84
C THR A 20 11.35 -1.93 -6.72
N SER A 21 11.73 -1.87 -8.00
CA SER A 21 11.35 -2.82 -9.03
C SER A 21 11.98 -2.42 -10.35
N VAL A 22 12.73 -3.33 -10.94
CA VAL A 22 13.35 -3.08 -12.23
C VAL A 22 12.95 -4.20 -13.18
N ALA A 23 12.47 -3.81 -14.36
CA ALA A 23 12.05 -4.80 -15.33
C ALA A 23 13.14 -5.04 -16.36
N LEU A 24 13.53 -6.30 -16.52
CA LEU A 24 14.52 -6.66 -17.52
C LEU A 24 13.66 -7.15 -18.69
N LYS A 25 13.40 -6.27 -19.64
CA LYS A 25 12.59 -6.61 -20.80
C LYS A 25 13.38 -7.47 -21.79
N LEU A 26 12.89 -8.68 -22.02
CA LEU A 26 13.52 -9.63 -22.92
C LEU A 26 12.47 -10.08 -23.96
N LEU A 27 11.75 -9.14 -24.52
CA LEU A 27 10.71 -9.48 -25.48
C LEU A 27 11.27 -10.13 -26.74
N GLU A 28 12.39 -9.61 -27.21
CA GLU A 28 13.01 -10.14 -28.40
C GLU A 28 13.79 -11.42 -28.12
N GLU A 29 14.36 -11.52 -26.93
CA GLU A 29 15.15 -12.69 -26.56
C GLU A 29 14.33 -13.88 -26.09
N ARG A 30 13.28 -13.63 -25.30
CA ARG A 30 12.45 -14.71 -24.77
C ARG A 30 10.96 -14.44 -24.89
N ARG A 31 10.58 -13.27 -25.42
CA ARG A 31 9.17 -12.91 -25.55
C ARG A 31 8.53 -12.79 -24.14
N SER A 32 9.31 -12.32 -23.18
CA SER A 32 8.82 -12.13 -21.82
C SER A 32 9.59 -11.01 -21.13
N VAL A 33 9.25 -10.79 -19.86
CA VAL A 33 9.90 -9.76 -19.07
C VAL A 33 10.24 -10.37 -17.72
N TRP A 34 11.38 -10.00 -17.17
CA TRP A 34 11.78 -10.48 -15.86
C TRP A 34 11.80 -9.28 -14.93
N LEU A 35 11.45 -9.53 -13.68
CA LEU A 35 11.43 -8.46 -12.70
C LEU A 35 12.47 -8.72 -11.60
N PHE A 36 13.16 -7.66 -11.20
CA PHE A 36 14.12 -7.75 -10.12
C PHE A 36 13.55 -6.88 -9.00
N ASP A 37 13.07 -7.57 -7.96
CA ASP A 37 12.40 -6.96 -6.81
C ASP A 37 11.01 -6.49 -7.20
N CYS A 38 10.12 -6.40 -6.22
CA CYS A 38 8.73 -6.05 -6.47
C CYS A 38 8.09 -5.35 -5.28
N GLY A 39 8.39 -4.07 -5.12
CA GLY A 39 7.83 -3.31 -4.02
C GLY A 39 6.36 -3.04 -4.21
N GLU A 40 5.71 -2.50 -3.19
CA GLU A 40 4.28 -2.22 -3.29
C GLU A 40 4.00 -1.26 -4.45
N ALA A 41 2.90 -1.53 -5.15
CA ALA A 41 2.47 -0.71 -6.28
C ALA A 41 3.28 -0.90 -7.57
N THR A 42 4.06 -1.97 -7.63
CA THR A 42 4.82 -2.24 -8.85
C THR A 42 3.82 -2.45 -9.99
N GLN A 43 2.72 -3.15 -9.72
CA GLN A 43 1.75 -3.39 -10.79
C GLN A 43 1.08 -2.09 -11.22
N HIS A 44 0.92 -1.16 -10.28
CA HIS A 44 0.34 0.14 -10.56
C HIS A 44 1.26 0.92 -11.50
N GLN A 45 2.56 0.85 -11.25
CA GLN A 45 3.54 1.53 -12.09
C GLN A 45 3.46 0.93 -13.50
N LEU A 47 1.02 -0.13 -15.07
CA LEU A 47 -0.13 0.34 -15.83
C LEU A 47 0.24 1.52 -16.70
N HIS A 48 1.39 2.15 -16.40
CA HIS A 48 1.86 3.28 -17.18
C HIS A 48 2.91 2.84 -18.18
N THR A 49 3.02 1.54 -18.39
CA THR A 49 3.98 1.00 -19.34
C THR A 49 3.24 0.05 -20.26
N THR A 50 3.98 -0.60 -21.16
CA THR A 50 3.38 -1.55 -22.07
C THR A 50 3.53 -2.94 -21.47
N ILE A 51 4.18 -3.01 -20.32
CA ILE A 51 4.36 -4.31 -19.66
C ILE A 51 3.11 -4.75 -18.93
N LYS A 52 2.62 -5.95 -19.25
CA LYS A 52 1.44 -6.52 -18.63
C LYS A 52 1.85 -7.69 -17.72
N PRO A 53 1.09 -7.92 -16.64
CA PRO A 53 1.41 -9.01 -15.72
C PRO A 53 1.63 -10.36 -16.38
N ARG A 54 0.83 -10.70 -17.38
CA ARG A 54 0.97 -11.98 -18.07
C ARG A 54 2.33 -12.17 -18.75
N LYS A 55 3.01 -11.08 -19.08
CA LYS A 55 4.31 -11.16 -19.74
C LYS A 55 5.45 -11.40 -18.75
N ILE A 56 5.17 -11.30 -17.45
CA ILE A 56 6.19 -11.54 -16.45
C ILE A 56 6.39 -13.05 -16.32
N GLU A 57 7.60 -13.50 -16.64
CA GLU A 57 7.94 -14.92 -16.57
C GLU A 57 8.65 -15.30 -15.28
N LYS A 58 9.49 -14.41 -14.78
CA LYS A 58 10.24 -14.68 -13.57
C LYS A 58 10.43 -13.41 -12.75
N ILE A 59 10.50 -13.60 -11.44
CA ILE A 59 10.73 -12.49 -10.53
C ILE A 59 11.86 -12.89 -9.59
N PHE A 60 12.85 -12.03 -9.47
CA PHE A 60 14.00 -12.28 -8.60
C PHE A 60 13.99 -11.26 -7.45
N ILE A 61 13.97 -11.79 -6.22
CA ILE A 61 13.97 -10.94 -5.04
C ILE A 61 15.35 -10.91 -4.39
N THR A 62 15.92 -9.72 -4.27
CA THR A 62 17.24 -9.57 -3.64
C THR A 62 17.21 -9.87 -2.14
N HIS A 63 16.21 -9.34 -1.44
CA HIS A 63 16.05 -9.60 -0.01
C HIS A 63 14.60 -9.36 0.44
N HIS A 65 13.11 -7.34 2.66
CA HIS A 65 12.57 -6.07 3.16
C HIS A 65 11.32 -5.68 2.36
N GLY A 66 10.33 -5.15 3.07
CA GLY A 66 9.07 -4.75 2.46
C GLY A 66 9.08 -3.94 1.17
N ASP A 67 10.00 -2.99 1.07
CA ASP A 67 10.05 -2.17 -0.13
C ASP A 67 10.58 -2.92 -1.36
N HIS A 68 10.79 -4.23 -1.21
CA HIS A 68 11.25 -5.06 -2.33
C HIS A 68 10.32 -6.26 -2.57
N VAL A 69 9.32 -6.45 -1.70
CA VAL A 69 8.44 -7.60 -1.85
C VAL A 69 6.93 -7.40 -1.70
N TYR A 70 6.50 -6.31 -1.07
CA TYR A 70 5.07 -6.11 -0.85
C TYR A 70 4.18 -6.03 -2.07
N GLY A 71 4.78 -5.87 -3.25
CA GLY A 71 3.99 -5.81 -4.45
C GLY A 71 3.71 -7.18 -5.06
N LEU A 72 4.33 -8.22 -4.54
CA LEU A 72 4.16 -9.58 -5.06
C LEU A 72 2.72 -10.12 -5.04
N PRO A 73 2.06 -10.09 -3.88
CA PRO A 73 0.69 -10.60 -3.82
C PRO A 73 -0.24 -10.00 -4.86
N GLY A 74 -0.19 -8.67 -4.99
CA GLY A 74 -1.03 -7.99 -5.95
C GLY A 74 -0.70 -8.38 -7.37
N LEU A 75 0.59 -8.32 -7.72
CA LEU A 75 1.02 -8.66 -9.06
C LEU A 75 0.63 -10.10 -9.42
N LEU A 76 0.93 -11.05 -8.54
CA LEU A 76 0.57 -12.44 -8.83
C LEU A 76 -0.94 -12.54 -9.02
N GLY A 77 -1.66 -11.86 -8.13
CA GLY A 77 -3.11 -11.86 -8.20
C GLY A 77 -3.64 -11.31 -9.51
N SER A 78 -3.16 -10.13 -9.93
CA SER A 78 -3.62 -9.54 -11.18
C SER A 78 -3.32 -10.45 -12.38
N ARG A 79 -2.14 -11.05 -12.39
CA ARG A 79 -1.74 -11.93 -13.48
C ARG A 79 -2.76 -13.07 -13.61
N SER A 80 -3.28 -13.52 -12.48
CA SER A 80 -4.28 -14.59 -12.48
C SER A 80 -5.62 -14.00 -12.90
N PHE A 81 -5.98 -12.89 -12.27
CA PHE A 81 -7.23 -12.19 -12.55
C PHE A 81 -7.38 -12.00 -14.05
N GLN A 82 -6.26 -11.72 -14.72
CA GLN A 82 -6.27 -11.48 -16.15
C GLN A 82 -6.16 -12.71 -17.05
N GLY A 83 -6.18 -13.90 -16.45
CA GLY A 83 -6.12 -15.11 -17.24
C GLY A 83 -4.79 -15.70 -17.67
N GLY A 84 -3.69 -15.22 -17.11
CA GLY A 84 -2.39 -15.75 -17.47
C GLY A 84 -2.32 -17.25 -17.17
N GLU A 85 -1.78 -18.03 -18.09
CA GLU A 85 -1.68 -19.48 -17.87
C GLU A 85 -0.24 -20.01 -17.86
N ASP A 86 0.71 -19.18 -18.27
CA ASP A 86 2.12 -19.56 -18.28
C ASP A 86 2.71 -19.60 -16.89
N GLU A 87 3.64 -20.53 -16.70
CA GLU A 87 4.29 -20.68 -15.42
C GLU A 87 5.08 -19.43 -15.06
N LEU A 88 5.06 -19.09 -13.79
CA LEU A 88 5.78 -17.95 -13.27
C LEU A 88 6.66 -18.49 -12.15
N THR A 89 7.92 -18.09 -12.15
CA THR A 89 8.83 -18.55 -11.10
C THR A 89 9.33 -17.38 -10.29
N VAL A 90 9.21 -17.49 -8.97
CA VAL A 90 9.68 -16.45 -8.08
C VAL A 90 10.87 -17.01 -7.32
N TYR A 91 11.98 -16.26 -7.36
CA TYR A 91 13.22 -16.66 -6.68
C TYR A 91 13.50 -15.66 -5.57
N GLY A 92 13.86 -16.15 -4.39
CA GLY A 92 14.16 -15.24 -3.31
C GLY A 92 14.74 -15.92 -2.09
N PRO A 93 15.19 -15.16 -1.09
CA PRO A 93 15.76 -15.75 0.12
C PRO A 93 14.71 -16.52 0.92
N LYS A 94 15.19 -17.38 1.82
CA LYS A 94 14.31 -18.19 2.64
C LYS A 94 13.26 -17.27 3.27
N GLY A 95 12.00 -17.70 3.24
CA GLY A 95 10.93 -16.89 3.79
C GLY A 95 10.03 -16.39 2.66
N ILE A 96 10.58 -16.34 1.46
CA ILE A 96 9.84 -15.88 0.29
C ILE A 96 8.62 -16.78 0.05
N LYS A 97 8.79 -18.08 0.26
CA LYS A 97 7.71 -19.03 0.07
C LYS A 97 6.58 -18.78 1.08
N ALA A 98 6.95 -18.61 2.36
CA ALA A 98 5.96 -18.36 3.39
C ALA A 98 5.20 -17.08 3.12
N PHE A 99 5.91 -16.04 2.68
CA PHE A 99 5.26 -14.76 2.40
C PHE A 99 4.18 -14.90 1.34
N ILE A 100 4.57 -15.43 0.19
CA ILE A 100 3.63 -15.61 -0.90
C ILE A 100 2.50 -16.58 -0.58
N GLU A 101 2.85 -17.76 -0.07
CA GLU A 101 1.82 -18.75 0.22
C GLU A 101 0.78 -18.27 1.22
N THR A 102 1.21 -17.61 2.29
CA THR A 102 0.28 -17.11 3.31
C THR A 102 -0.65 -16.08 2.69
N SER A 103 -0.07 -15.14 1.94
CA SER A 103 -0.83 -14.09 1.29
C SER A 103 -1.93 -14.63 0.39
N LEU A 104 -1.62 -15.67 -0.37
CA LEU A 104 -2.59 -16.24 -1.29
C LEU A 104 -3.62 -17.12 -0.57
N ALA A 105 -3.19 -17.79 0.49
CA ALA A 105 -4.08 -18.64 1.26
C ALA A 105 -5.13 -17.84 2.02
N VAL A 106 -4.70 -16.79 2.73
CA VAL A 106 -5.66 -16.01 3.50
C VAL A 106 -6.70 -15.28 2.64
N THR A 107 -6.38 -15.03 1.37
CA THR A 107 -7.33 -14.36 0.47
C THR A 107 -8.03 -15.38 -0.41
N LYS A 108 -7.79 -16.66 -0.13
CA LYS A 108 -8.38 -17.76 -0.91
C LYS A 108 -8.18 -17.55 -2.39
N THR A 109 -6.95 -17.17 -2.76
CA THR A 109 -6.61 -16.94 -4.15
C THR A 109 -6.17 -18.22 -4.84
N HIS A 110 -6.85 -18.54 -5.93
CA HIS A 110 -6.51 -19.74 -6.71
C HIS A 110 -5.99 -19.24 -8.06
N LEU A 111 -4.68 -19.33 -8.24
CA LEU A 111 -4.03 -18.88 -9.46
C LEU A 111 -4.40 -19.70 -10.68
N THR A 112 -4.56 -19.03 -11.82
CA THR A 112 -4.92 -19.68 -13.07
C THR A 112 -3.71 -20.27 -13.78
N TYR A 113 -2.53 -20.08 -13.18
CA TYR A 113 -1.29 -20.56 -13.77
C TYR A 113 -0.44 -21.23 -12.71
N PRO A 114 0.53 -22.07 -13.12
CA PRO A 114 1.37 -22.74 -12.12
C PRO A 114 2.40 -21.76 -11.58
N LEU A 115 2.61 -21.82 -10.26
CA LEU A 115 3.57 -20.95 -9.61
C LEU A 115 4.68 -21.75 -8.94
N ALA A 116 5.94 -21.44 -9.26
CA ALA A 116 7.08 -22.12 -8.64
C ALA A 116 7.80 -21.09 -7.80
N ILE A 117 8.16 -21.47 -6.57
CA ILE A 117 8.87 -20.55 -5.70
C ILE A 117 10.21 -21.17 -5.33
N GLN A 118 11.29 -20.49 -5.67
CA GLN A 118 12.63 -20.99 -5.38
C GLN A 118 13.34 -20.20 -4.29
N GLU A 119 13.50 -20.78 -3.11
CA GLU A 119 14.21 -20.08 -2.05
C GLU A 119 15.68 -20.39 -2.36
N ILE A 120 16.39 -19.37 -2.81
CA ILE A 120 17.78 -19.48 -3.24
C ILE A 120 18.89 -19.51 -2.21
N GLU A 121 20.07 -19.76 -2.75
CA GLU A 121 21.31 -19.85 -2.01
C GLU A 121 22.32 -19.24 -2.95
N GLU A 122 23.44 -18.80 -2.39
CA GLU A 122 24.50 -18.21 -3.20
C GLU A 122 24.86 -19.21 -4.29
N GLY A 123 25.09 -18.71 -5.51
CA GLY A 123 25.42 -19.59 -6.62
C GLY A 123 24.46 -19.41 -7.79
N ILE A 124 24.42 -20.39 -8.68
CA ILE A 124 23.53 -20.35 -9.84
C ILE A 124 22.09 -20.63 -9.42
N VAL A 125 21.18 -19.72 -9.74
CA VAL A 125 19.79 -19.91 -9.35
C VAL A 125 18.94 -20.40 -10.50
N PHE A 126 19.35 -20.05 -11.71
CA PHE A 126 18.63 -20.46 -12.91
C PHE A 126 19.56 -20.57 -14.11
N GLU A 127 19.32 -21.58 -14.94
CA GLU A 127 20.12 -21.76 -16.14
C GLU A 127 19.40 -22.60 -17.20
N ASP A 128 19.42 -22.11 -18.44
CA ASP A 128 18.83 -22.84 -19.54
C ASP A 128 19.83 -22.68 -20.68
N ASP A 129 19.46 -23.10 -21.89
CA ASP A 129 20.39 -22.99 -23.00
C ASP A 129 20.65 -21.55 -23.41
N GLN A 130 19.90 -20.62 -22.83
CA GLN A 130 20.04 -19.22 -23.22
C GLN A 130 20.58 -18.26 -22.16
N PHE A 131 20.33 -18.58 -20.89
CA PHE A 131 20.77 -17.71 -19.80
C PHE A 131 21.29 -18.49 -18.61
N ILE A 132 22.14 -17.80 -17.85
CA ILE A 132 22.69 -18.35 -16.62
C ILE A 132 22.56 -17.19 -15.63
N VAL A 133 21.77 -17.39 -14.58
CA VAL A 133 21.57 -16.36 -13.57
C VAL A 133 22.21 -16.80 -12.27
N THR A 134 23.11 -15.98 -11.74
CA THR A 134 23.79 -16.34 -10.50
C THR A 134 23.56 -15.31 -9.40
N ALA A 135 23.51 -15.81 -8.18
CA ALA A 135 23.29 -14.98 -7.00
C ALA A 135 24.51 -15.05 -6.08
N VAL A 136 24.80 -13.94 -5.43
CA VAL A 136 25.92 -13.87 -4.50
C VAL A 136 25.44 -13.15 -3.23
N SER A 137 25.94 -13.57 -2.08
CA SER A 137 25.56 -12.95 -0.81
C SER A 137 26.16 -11.55 -0.75
N VAL A 138 25.34 -10.56 -0.39
CA VAL A 138 25.85 -9.20 -0.27
C VAL A 138 25.84 -8.81 1.20
N ILE A 139 26.06 -7.54 1.50
CA ILE A 139 26.12 -7.08 2.90
C ILE A 139 24.97 -6.16 3.28
N HIS A 140 23.94 -6.72 3.90
CA HIS A 140 22.76 -5.94 4.25
C HIS A 140 22.10 -6.30 5.58
N GLY A 141 22.79 -7.08 6.41
CA GLY A 141 22.21 -7.47 7.68
C GLY A 141 21.32 -8.68 7.47
N VAL A 142 20.11 -8.44 6.98
CA VAL A 142 19.19 -9.54 6.70
C VAL A 142 19.85 -10.34 5.58
N GLU A 143 19.40 -11.58 5.36
CA GLU A 143 19.98 -12.37 4.27
C GLU A 143 19.68 -11.62 2.98
N ALA A 144 20.72 -11.28 2.24
CA ALA A 144 20.56 -10.52 1.01
C ALA A 144 21.44 -11.04 -0.12
N PHE A 145 20.95 -10.88 -1.34
CA PHE A 145 21.69 -11.35 -2.50
C PHE A 145 21.80 -10.30 -3.60
N GLY A 146 22.83 -10.49 -4.42
CA GLY A 146 23.06 -9.63 -5.58
C GLY A 146 22.88 -10.63 -6.72
N TYR A 147 22.49 -10.15 -7.89
CA TYR A 147 22.29 -11.06 -9.02
C TYR A 147 23.04 -10.65 -10.29
N ARG A 148 23.48 -11.64 -11.05
CA ARG A 148 24.11 -11.38 -12.33
C ARG A 148 23.32 -12.16 -13.38
N VAL A 149 22.84 -11.46 -14.39
CA VAL A 149 22.10 -12.10 -15.47
C VAL A 149 23.06 -12.21 -16.65
N GLN A 150 23.46 -13.42 -16.97
CA GLN A 150 24.39 -13.64 -18.06
C GLN A 150 23.77 -14.36 -19.25
N GLU A 151 23.65 -13.63 -20.33
CA GLU A 151 23.12 -14.16 -21.59
C GLU A 151 24.30 -14.93 -22.17
N LYS A 152 24.09 -16.19 -22.55
CA LYS A 152 25.18 -17.00 -23.10
C LYS A 152 25.56 -16.57 -24.51
N ASP A 153 26.80 -16.86 -24.90
CA ASP A 153 27.30 -16.51 -26.23
C ASP A 153 26.72 -17.49 -27.25
N VAL A 154 26.49 -17.03 -28.47
CA VAL A 154 25.93 -17.89 -29.50
C VAL A 154 26.66 -17.81 -30.83
N PRO A 155 26.71 -18.93 -31.57
CA PRO A 155 27.38 -19.00 -32.88
C PRO A 155 26.58 -18.19 -33.90
N GLY A 156 27.27 -17.65 -34.90
CA GLY A 156 26.58 -16.89 -35.92
C GLY A 156 25.51 -17.73 -36.61
N SER A 157 24.69 -17.10 -37.44
CA SER A 157 23.64 -17.82 -38.14
C SER A 157 23.91 -17.84 -39.64
N LEU A 158 23.30 -18.79 -40.34
CA LEU A 158 23.46 -18.93 -41.79
C LEU A 158 23.03 -17.67 -42.53
N LEU A 197 28.35 -17.32 -43.17
CA LEU A 197 27.86 -17.32 -41.79
C LEU A 197 27.92 -15.94 -41.16
N GLU A 198 27.08 -15.74 -40.15
CA GLU A 198 27.04 -14.46 -39.44
C GLU A 198 28.05 -14.50 -38.31
N PRO A 199 28.53 -13.31 -37.87
CA PRO A 199 29.51 -13.25 -36.79
C PRO A 199 28.90 -13.74 -35.48
N PRO A 200 29.72 -14.37 -34.63
CA PRO A 200 29.21 -14.87 -33.34
C PRO A 200 28.60 -13.73 -32.53
N LYS A 201 27.77 -14.07 -31.54
CA LYS A 201 27.13 -13.06 -30.71
C LYS A 201 27.59 -13.20 -29.26
N LYS A 202 28.12 -12.11 -28.70
CA LYS A 202 28.58 -12.13 -27.33
C LYS A 202 27.42 -11.80 -26.39
N GLY A 203 27.13 -12.71 -25.47
CA GLY A 203 26.05 -12.51 -24.53
C GLY A 203 26.20 -11.29 -23.64
N ARG A 204 25.13 -10.51 -23.52
CA ARG A 204 25.13 -9.33 -22.67
C ARG A 204 24.97 -9.76 -21.20
N SER A 205 25.30 -8.87 -20.28
CA SER A 205 25.19 -9.17 -18.87
C SER A 205 24.73 -7.95 -18.07
N VAL A 206 23.89 -8.19 -17.07
CA VAL A 206 23.40 -7.12 -16.21
C VAL A 206 23.55 -7.61 -14.77
N VAL A 207 24.04 -6.72 -13.91
CA VAL A 207 24.26 -7.07 -12.51
C VAL A 207 23.42 -6.19 -11.60
N PHE A 208 22.75 -6.81 -10.63
CA PHE A 208 21.93 -6.09 -9.67
C PHE A 208 22.51 -6.28 -8.28
N SER A 209 22.83 -5.16 -7.64
CA SER A 209 23.40 -5.19 -6.29
C SER A 209 22.37 -5.48 -5.22
N GLY A 210 21.13 -5.04 -5.45
CA GLY A 210 20.11 -5.20 -4.42
C GLY A 210 20.50 -4.17 -3.37
N ASP A 211 20.11 -4.39 -2.12
CA ASP A 211 20.47 -3.48 -1.02
C ASP A 211 21.74 -4.05 -0.40
N THR A 212 22.73 -3.20 -0.13
CA THR A 212 23.98 -3.69 0.48
C THR A 212 25.02 -2.61 0.70
N ARG A 213 25.98 -2.91 1.58
CA ARG A 213 27.10 -2.01 1.82
C ARG A 213 28.08 -2.42 0.72
N VAL A 214 29.08 -1.60 0.44
CA VAL A 214 30.07 -1.92 -0.58
C VAL A 214 30.52 -3.37 -0.40
N SER A 215 30.41 -4.17 -1.46
CA SER A 215 30.77 -5.58 -1.40
C SER A 215 31.83 -5.98 -2.42
N ASP A 216 32.81 -6.76 -1.98
CA ASP A 216 33.86 -7.22 -2.89
C ASP A 216 33.30 -8.36 -3.71
N LYS A 217 32.56 -9.25 -3.04
CA LYS A 217 31.95 -10.38 -3.72
C LYS A 217 31.07 -9.89 -4.87
N LEU A 218 30.52 -8.69 -4.73
CA LEU A 218 29.66 -8.15 -5.77
C LEU A 218 30.48 -7.74 -6.99
N LYS A 219 31.49 -6.89 -6.77
CA LYS A 219 32.33 -6.43 -7.88
C LYS A 219 33.02 -7.62 -8.54
N GLU A 220 33.32 -8.64 -7.75
CA GLU A 220 33.97 -9.84 -8.27
C GLU A 220 33.01 -10.62 -9.15
N LEU A 221 31.75 -10.65 -8.76
CA LEU A 221 30.72 -11.36 -9.52
C LEU A 221 30.34 -10.52 -10.73
N ALA A 222 30.49 -9.20 -10.60
CA ALA A 222 30.14 -8.27 -11.67
C ALA A 222 31.29 -7.98 -12.63
N ARG A 223 32.31 -8.83 -12.59
CA ARG A 223 33.47 -8.67 -13.44
C ARG A 223 33.13 -8.56 -14.93
N ASP A 224 33.51 -7.44 -15.54
CA ASP A 224 33.29 -7.19 -16.96
C ASP A 224 31.83 -7.20 -17.42
N CYS A 225 30.90 -6.94 -16.52
CA CYS A 225 29.49 -6.94 -16.89
C CYS A 225 29.20 -5.74 -17.78
N ASP A 226 28.14 -5.84 -18.58
CA ASP A 226 27.76 -4.75 -19.48
C ASP A 226 27.11 -3.59 -18.74
N VAL A 227 26.20 -3.92 -17.81
CA VAL A 227 25.52 -2.90 -17.04
C VAL A 227 25.39 -3.30 -15.59
N VAL A 229 23.61 -2.29 -12.03
CA VAL A 229 22.56 -1.53 -11.37
C VAL A 229 22.91 -1.60 -9.89
N HIS A 230 23.31 -0.47 -9.33
CA HIS A 230 23.73 -0.42 -7.93
C HIS A 230 22.98 0.60 -7.11
N GLU A 231 22.65 0.24 -5.88
CA GLU A 231 21.95 1.16 -5.01
C GLU A 231 22.90 2.27 -4.59
N ALA A 232 22.34 3.47 -4.40
CA ALA A 232 23.10 4.63 -3.96
C ALA A 232 22.16 5.39 -3.03
N THR A 233 21.85 4.75 -1.91
CA THR A 233 20.94 5.34 -0.93
C THR A 233 21.45 6.65 -0.35
N PHE A 234 22.77 6.79 -0.24
CA PHE A 234 23.34 7.99 0.33
C PHE A 234 24.38 8.67 -0.54
N ALA A 235 24.56 9.97 -0.30
CA ALA A 235 25.53 10.77 -1.05
C ALA A 235 26.94 10.40 -0.61
N LYS A 236 27.92 10.87 -1.40
CA LYS A 236 29.33 10.60 -1.13
C LYS A 236 29.73 10.85 0.32
N GLU A 237 29.42 12.03 0.85
CA GLU A 237 29.81 12.37 2.21
C GLU A 237 29.03 11.71 3.35
N ASP A 238 28.14 10.78 3.02
CA ASP A 238 27.37 10.09 4.06
C ASP A 238 27.79 8.66 4.28
N ARG A 239 29.10 8.43 4.33
CA ARG A 239 29.64 7.10 4.53
C ARG A 239 29.14 6.46 5.82
N LYS A 240 28.94 7.28 6.84
CA LYS A 240 28.47 6.80 8.15
C LYS A 240 27.02 6.33 8.13
N LEU A 241 26.12 7.14 7.56
CA LEU A 241 24.73 6.74 7.48
C LEU A 241 24.63 5.49 6.63
N ALA A 242 25.38 5.45 5.53
CA ALA A 242 25.38 4.30 4.64
C ALA A 242 25.74 3.05 5.43
N TYR A 243 26.82 3.14 6.21
CA TYR A 243 27.26 2.01 7.01
C TYR A 243 26.18 1.55 7.98
N ASP A 244 25.63 2.48 8.74
CA ASP A 244 24.60 2.17 9.73
C ASP A 244 23.35 1.50 9.14
N TYR A 245 22.86 1.99 8.00
CA TYR A 245 21.66 1.41 7.40
C TYR A 245 21.96 0.32 6.36
N TYR A 246 23.19 -0.17 6.34
CA TYR A 246 23.59 -1.21 5.38
C TYR A 246 23.36 -0.85 3.92
N HIS A 247 23.72 0.36 3.52
CA HIS A 247 23.58 0.81 2.14
C HIS A 247 24.93 1.27 1.61
N SER A 248 24.91 1.84 0.40
CA SER A 248 26.11 2.33 -0.26
C SER A 248 25.97 3.80 -0.66
N THR A 249 27.10 4.44 -0.96
CA THR A 249 27.09 5.85 -1.38
C THR A 249 27.29 5.90 -2.88
N THR A 250 27.03 7.06 -3.48
CA THR A 250 27.21 7.24 -4.92
C THR A 250 28.66 6.89 -5.30
N GLU A 251 29.60 7.40 -4.52
CA GLU A 251 31.03 7.16 -4.76
C GLU A 251 31.39 5.68 -4.63
N GLN A 252 30.80 5.00 -3.65
CA GLN A 252 31.08 3.59 -3.43
C GLN A 252 30.59 2.76 -4.60
N ALA A 253 29.42 3.11 -5.14
CA ALA A 253 28.87 2.38 -6.27
C ALA A 253 29.77 2.59 -7.48
N ALA A 254 30.12 3.85 -7.72
CA ALA A 254 30.97 4.22 -8.86
C ALA A 254 32.30 3.49 -8.80
N VAL A 255 32.86 3.39 -7.60
CA VAL A 255 34.13 2.71 -7.43
C VAL A 255 34.00 1.22 -7.72
N THR A 256 32.86 0.65 -7.34
CA THR A 256 32.63 -0.77 -7.59
C THR A 256 32.59 -1.03 -9.09
N ALA A 257 31.82 -0.20 -9.81
CA ALA A 257 31.70 -0.33 -11.24
C ALA A 257 33.08 -0.20 -11.89
N LYS A 258 33.83 0.82 -11.49
CA LYS A 258 35.16 1.07 -12.02
C LYS A 258 36.12 -0.11 -11.84
N GLU A 259 36.17 -0.65 -10.63
CA GLU A 259 37.06 -1.77 -10.34
C GLU A 259 36.60 -3.09 -10.93
N ALA A 260 35.32 -3.19 -11.26
CA ALA A 260 34.77 -4.41 -11.83
C ALA A 260 34.83 -4.40 -13.35
N ARG A 261 35.22 -3.25 -13.90
CA ARG A 261 35.31 -3.07 -15.34
C ARG A 261 33.94 -3.16 -16.01
N ALA A 262 32.93 -2.63 -15.34
CA ALA A 262 31.58 -2.64 -15.90
C ALA A 262 31.62 -1.58 -16.99
N LYS A 263 30.75 -1.69 -17.98
CA LYS A 263 30.75 -0.71 -19.05
C LYS A 263 29.84 0.46 -18.71
N GLN A 264 28.79 0.18 -17.94
CA GLN A 264 27.85 1.22 -17.56
C GLN A 264 27.37 1.03 -16.12
N LEU A 265 27.08 2.13 -15.45
CA LEU A 265 26.59 2.09 -14.07
C LEU A 265 25.29 2.87 -13.95
N ILE A 266 24.31 2.27 -13.29
CA ILE A 266 23.03 2.92 -13.08
C ILE A 266 22.77 2.95 -11.58
N LEU A 267 22.54 4.15 -11.05
CA LEU A 267 22.29 4.32 -9.62
C LEU A 267 20.80 4.27 -9.36
N THR A 268 20.39 3.54 -8.32
CA THR A 268 18.99 3.46 -8.00
C THR A 268 18.79 3.33 -6.49
N HIS A 269 17.53 3.27 -6.05
CA HIS A 269 17.20 3.14 -4.63
C HIS A 269 17.64 4.44 -3.94
N ILE A 270 17.23 5.56 -4.53
CA ILE A 270 17.55 6.90 -4.06
C ILE A 270 16.63 7.37 -2.93
N SER A 271 17.22 7.86 -1.84
CA SER A 271 16.42 8.35 -0.72
C SER A 271 15.68 9.61 -1.16
N ALA A 272 14.48 9.81 -0.65
CA ALA A 272 13.67 10.97 -1.01
C ALA A 272 14.35 12.30 -0.75
N ARG A 273 15.55 12.25 -0.17
CA ARG A 273 16.31 13.45 0.15
C ARG A 273 17.03 14.04 -1.06
N TYR A 274 16.95 13.39 -2.21
CA TYR A 274 17.61 13.91 -3.41
C TYR A 274 16.77 13.69 -4.68
N GLN A 275 15.78 14.53 -4.91
CA GLN A 275 14.93 14.38 -6.09
C GLN A 275 14.93 15.66 -6.93
N GLY A 276 14.66 15.52 -8.22
CA GLY A 276 14.64 16.66 -9.12
C GLY A 276 16.01 16.92 -9.71
N ASP A 277 16.66 17.99 -9.25
CA ASP A 277 18.00 18.33 -9.73
C ASP A 277 19.03 17.91 -8.70
N ALA A 278 18.57 17.68 -7.48
CA ALA A 278 19.44 17.23 -6.40
C ALA A 278 19.96 15.85 -6.77
N SER A 279 19.15 15.11 -7.52
CA SER A 279 19.52 13.77 -7.96
C SER A 279 20.69 13.87 -8.94
N LEU A 280 20.74 14.97 -9.69
CA LEU A 280 21.81 15.18 -10.64
C LEU A 280 23.13 15.32 -9.88
N GLU A 281 23.04 15.89 -8.68
CA GLU A 281 24.23 16.05 -7.85
C GLU A 281 24.78 14.67 -7.51
N LEU A 282 23.89 13.74 -7.14
CA LEU A 282 24.29 12.39 -6.80
C LEU A 282 24.96 11.76 -8.01
N GLN A 283 24.35 11.97 -9.16
CA GLN A 283 24.86 11.44 -10.42
C GLN A 283 26.29 11.90 -10.64
N LYS A 284 26.50 13.21 -10.53
CA LYS A 284 27.83 13.79 -10.72
C LYS A 284 28.87 13.17 -9.79
N GLU A 285 28.47 12.85 -8.57
CA GLU A 285 29.42 12.24 -7.65
C GLU A 285 29.92 10.95 -8.26
N ALA A 286 29.01 10.21 -8.88
CA ALA A 286 29.36 8.95 -9.52
C ALA A 286 30.16 9.23 -10.79
N VAL A 287 29.66 10.14 -11.61
CA VAL A 287 30.32 10.51 -12.85
C VAL A 287 31.81 10.80 -12.64
N ASP A 288 32.15 11.40 -11.49
CA ASP A 288 33.53 11.75 -11.17
C ASP A 288 34.46 10.53 -11.02
N VAL A 289 33.92 9.40 -10.60
CA VAL A 289 34.72 8.20 -10.44
C VAL A 289 34.55 7.30 -11.66
N PHE A 290 33.31 7.17 -12.11
CA PHE A 290 32.97 6.36 -13.27
C PHE A 290 32.16 7.24 -14.23
N PRO A 291 32.81 7.73 -15.30
CA PRO A 291 32.15 8.59 -16.29
C PRO A 291 30.79 8.12 -16.78
N ASN A 292 30.68 6.83 -17.09
CA ASN A 292 29.43 6.30 -17.60
C ASN A 292 28.50 5.85 -16.48
N SER A 293 27.98 6.83 -15.75
CA SER A 293 27.08 6.59 -14.63
C SER A 293 25.82 7.42 -14.82
N VAL A 294 24.67 6.84 -14.46
CA VAL A 294 23.40 7.55 -14.56
C VAL A 294 22.51 7.23 -13.37
N ALA A 295 21.85 8.26 -12.85
CA ALA A 295 20.95 8.10 -11.72
C ALA A 295 19.59 7.72 -12.29
N ALA A 296 19.12 6.53 -11.98
CA ALA A 296 17.82 6.10 -12.49
C ALA A 296 16.68 6.92 -11.90
N TYR A 297 15.54 6.87 -12.57
CA TYR A 297 14.34 7.56 -12.13
C TYR A 297 13.17 6.75 -12.67
N ASP A 298 12.03 6.84 -12.01
CA ASP A 298 10.86 6.09 -12.42
C ASP A 298 10.54 6.23 -13.91
N PHE A 299 10.41 5.07 -14.56
CA PHE A 299 10.09 4.96 -15.98
C PHE A 299 11.26 5.22 -16.93
N LEU A 300 12.46 5.29 -16.38
CA LEU A 300 13.63 5.47 -17.21
C LEU A 300 13.86 4.12 -17.89
N GLU A 301 14.10 4.13 -19.19
CA GLU A 301 14.34 2.88 -19.90
C GLU A 301 15.73 2.91 -20.52
N VAL A 302 16.54 1.92 -20.19
CA VAL A 302 17.92 1.85 -20.68
C VAL A 302 18.17 0.62 -21.54
N ASN A 303 18.58 0.85 -22.78
CA ASN A 303 18.86 -0.27 -23.68
C ASN A 303 20.19 -0.92 -23.38
N VAL A 304 20.23 -2.24 -23.48
CA VAL A 304 21.45 -3.02 -23.24
C VAL A 304 21.92 -3.55 -24.58
N PRO A 305 22.82 -2.81 -25.26
CA PRO A 305 23.36 -3.20 -26.56
C PRO A 305 24.39 -4.33 -26.51
N ARG A 306 24.47 -5.09 -27.60
CA ARG A 306 25.45 -6.17 -27.74
C ARG A 306 26.72 -5.41 -28.08
N GLY A 307 27.65 -5.38 -27.12
CA GLY A 307 28.89 -4.66 -27.30
C GLY A 307 29.68 -5.06 -28.53
N GLU B 2 -15.36 13.42 8.11
CA GLU B 2 -15.46 13.32 6.66
C GLU B 2 -15.00 11.94 6.17
N LEU B 3 -15.47 11.59 4.97
CA LEU B 3 -15.09 10.35 4.29
C LEU B 3 -14.26 10.80 3.10
N LEU B 4 -13.06 10.25 2.97
CA LEU B 4 -12.18 10.58 1.86
C LEU B 4 -11.86 9.28 1.15
N PHE B 5 -12.43 9.10 -0.04
CA PHE B 5 -12.20 7.88 -0.80
C PHE B 5 -10.81 7.83 -1.44
N LEU B 6 -9.99 6.90 -0.98
CA LEU B 6 -8.65 6.76 -1.50
C LEU B 6 -8.62 5.87 -2.75
N GLY B 7 -9.45 4.82 -2.74
CA GLY B 7 -9.53 3.92 -3.87
C GLY B 7 -10.97 3.50 -4.04
N THR B 8 -11.51 3.57 -5.26
CA THR B 8 -12.91 3.22 -5.48
C THR B 8 -13.13 2.16 -6.53
N GLY B 9 -12.05 1.51 -6.97
CA GLY B 9 -12.14 0.48 -7.98
C GLY B 9 -12.44 -0.89 -7.42
N ALA B 10 -12.28 -1.92 -8.25
CA ALA B 10 -12.56 -3.28 -7.81
C ALA B 10 -11.65 -4.28 -8.51
N GLY B 11 -11.33 -5.36 -7.80
CA GLY B 11 -10.51 -6.40 -8.39
C GLY B 11 -9.05 -6.06 -8.55
N ILE B 12 -8.74 -5.23 -9.53
CA ILE B 12 -7.36 -4.84 -9.78
C ILE B 12 -7.35 -3.34 -10.04
N PRO B 13 -6.19 -2.71 -9.85
CA PRO B 13 -5.99 -1.27 -10.04
C PRO B 13 -6.20 -0.84 -11.48
N ALA B 14 -6.67 0.39 -11.66
CA ALA B 14 -6.86 0.97 -12.98
C ALA B 14 -6.32 2.38 -12.86
N LYS B 15 -5.87 2.96 -13.96
CA LYS B 15 -5.33 4.31 -13.91
C LYS B 15 -6.33 5.27 -13.25
N ALA B 16 -7.62 5.06 -13.52
CA ALA B 16 -8.66 5.90 -12.96
C ALA B 16 -9.07 5.61 -11.51
N ARG B 17 -9.08 4.33 -11.12
CA ARG B 17 -9.50 3.96 -9.77
C ARG B 17 -8.57 2.92 -9.14
N ASN B 18 -8.04 3.22 -7.96
CA ASN B 18 -7.20 2.25 -7.29
C ASN B 18 -8.14 1.29 -6.57
N VAL B 19 -7.58 0.17 -6.11
CA VAL B 19 -8.39 -0.78 -5.38
C VAL B 19 -8.88 -0.09 -4.11
N THR B 20 -9.86 -0.71 -3.48
CA THR B 20 -10.54 -0.11 -2.35
C THR B 20 -9.89 0.29 -1.03
N SER B 21 -10.33 1.45 -0.56
CA SER B 21 -9.97 2.04 0.72
C SER B 21 -10.65 3.38 0.93
N VAL B 22 -11.29 3.52 2.08
CA VAL B 22 -11.97 4.77 2.41
C VAL B 22 -11.49 5.23 3.78
N ALA B 23 -11.13 6.51 3.87
CA ALA B 23 -10.68 7.07 5.13
C ALA B 23 -11.81 7.83 5.84
N LEU B 24 -12.05 7.46 7.09
CA LEU B 24 -13.05 8.16 7.89
C LEU B 24 -12.18 9.10 8.75
N LYS B 25 -12.10 10.36 8.33
CA LYS B 25 -11.31 11.34 9.05
C LYS B 25 -12.04 11.80 10.29
N LEU B 26 -11.36 11.72 11.42
CA LEU B 26 -11.92 12.11 12.72
C LEU B 26 -10.93 12.99 13.45
N LEU B 27 -10.32 13.92 12.72
CA LEU B 27 -9.32 14.80 13.30
C LEU B 27 -9.85 15.67 14.43
N GLU B 28 -11.05 16.19 14.23
CA GLU B 28 -11.66 17.06 15.24
C GLU B 28 -12.18 16.22 16.40
N GLU B 29 -12.67 15.02 16.08
CA GLU B 29 -13.24 14.13 17.09
C GLU B 29 -12.22 13.36 17.93
N ARG B 30 -11.17 12.85 17.29
CA ARG B 30 -10.17 12.05 18.01
C ARG B 30 -8.73 12.33 17.56
N ARG B 31 -8.52 13.35 16.74
CA ARG B 31 -7.19 13.66 16.22
C ARG B 31 -6.66 12.46 15.46
N SER B 32 -7.55 11.77 14.74
CA SER B 32 -7.12 10.59 14.00
C SER B 32 -8.01 10.25 12.83
N VAL B 33 -7.56 9.24 12.08
CA VAL B 33 -8.24 8.73 10.90
C VAL B 33 -8.41 7.21 11.02
N TRP B 34 -9.57 6.72 10.61
CA TRP B 34 -9.87 5.29 10.62
C TRP B 34 -10.05 4.88 9.17
N LEU B 35 -9.44 3.77 8.79
CA LEU B 35 -9.53 3.27 7.43
C LEU B 35 -10.45 2.07 7.33
N PHE B 36 -11.26 2.05 6.27
CA PHE B 36 -12.15 0.93 6.01
C PHE B 36 -11.62 0.32 4.73
N ASP B 37 -10.99 -0.85 4.92
CA ASP B 37 -10.33 -1.62 3.88
C ASP B 37 -9.01 -0.97 3.46
N CYS B 38 -8.11 -1.74 2.86
CA CYS B 38 -6.80 -1.19 2.54
C CYS B 38 -6.12 -1.95 1.39
N GLY B 39 -6.62 -1.72 0.17
CA GLY B 39 -6.06 -2.37 -0.99
C GLY B 39 -4.65 -1.91 -1.26
N GLU B 40 -3.94 -2.62 -2.14
CA GLU B 40 -2.58 -2.27 -2.46
C GLU B 40 -2.48 -0.81 -2.94
N ALA B 41 -1.42 -0.14 -2.53
CA ALA B 41 -1.16 1.25 -2.90
C ALA B 41 -2.03 2.26 -2.17
N THR B 42 -2.70 1.85 -1.10
CA THR B 42 -3.49 2.80 -0.35
C THR B 42 -2.59 3.91 0.22
N GLN B 43 -1.39 3.55 0.70
CA GLN B 43 -0.52 4.57 1.27
C GLN B 43 -0.03 5.53 0.18
N HIS B 44 0.03 5.03 -1.06
CA HIS B 44 0.47 5.85 -2.20
C HIS B 44 -0.61 6.90 -2.50
N GLN B 45 -1.87 6.48 -2.44
CA GLN B 45 -2.96 7.43 -2.68
C GLN B 45 -2.89 8.51 -1.59
N LEU B 47 -0.42 9.79 -0.20
CA LEU B 47 0.64 10.76 -0.45
C LEU B 47 0.10 11.99 -1.16
N HIS B 48 -1.07 11.84 -1.78
CA HIS B 48 -1.70 12.96 -2.48
C HIS B 48 -2.73 13.63 -1.60
N THR B 49 -2.67 13.35 -0.30
CA THR B 49 -3.63 13.94 0.64
C THR B 49 -2.90 14.46 1.87
N THR B 50 -3.66 15.04 2.78
CA THR B 50 -3.09 15.56 4.03
C THR B 50 -3.01 14.46 5.09
N ILE B 51 -3.49 13.27 4.74
CA ILE B 51 -3.47 12.13 5.66
C ILE B 51 -2.12 11.43 5.69
N LYS B 52 -1.53 11.32 6.87
CA LYS B 52 -0.25 10.64 7.04
C LYS B 52 -0.47 9.35 7.82
N PRO B 53 0.36 8.33 7.56
CA PRO B 53 0.21 7.05 8.27
C PRO B 53 0.11 7.19 9.78
N ARG B 54 0.88 8.10 10.37
CA ARG B 54 0.86 8.31 11.82
C ARG B 54 -0.50 8.64 12.39
N LYS B 55 -1.32 9.32 11.59
CA LYS B 55 -2.67 9.71 12.04
C LYS B 55 -3.65 8.54 12.07
N ILE B 56 -3.32 7.44 11.40
CA ILE B 56 -4.24 6.31 11.39
C ILE B 56 -4.23 5.58 12.73
N GLU B 57 -5.42 5.48 13.32
CA GLU B 57 -5.61 4.84 14.62
C GLU B 57 -6.17 3.42 14.49
N LYS B 58 -7.06 3.24 13.53
CA LYS B 58 -7.69 1.94 13.30
C LYS B 58 -7.94 1.66 11.83
N ILE B 59 -7.90 0.38 11.49
CA ILE B 59 -8.17 -0.06 10.13
C ILE B 59 -9.15 -1.24 10.24
N PHE B 60 -10.28 -1.11 9.57
CA PHE B 60 -11.30 -2.16 9.59
C PHE B 60 -11.39 -2.85 8.24
N ILE B 61 -11.25 -4.17 8.24
CA ILE B 61 -11.32 -4.93 7.00
C ILE B 61 -12.66 -5.63 6.91
N THR B 62 -13.32 -5.47 5.78
CA THR B 62 -14.64 -6.06 5.58
C THR B 62 -14.60 -7.47 5.00
N HIS B 63 -13.64 -7.73 4.13
CA HIS B 63 -13.54 -9.03 3.48
C HIS B 63 -12.09 -9.33 3.14
N HIS B 65 -10.32 -10.17 0.77
CA HIS B 65 -10.07 -10.24 -0.67
C HIS B 65 -8.79 -9.45 -0.84
N GLY B 66 -7.95 -9.86 -1.78
CA GLY B 66 -6.70 -9.16 -2.01
C GLY B 66 -6.85 -7.66 -2.24
N ASP B 67 -7.89 -7.27 -2.97
CA ASP B 67 -8.10 -5.85 -3.25
C ASP B 67 -8.56 -5.07 -2.04
N HIS B 68 -8.61 -5.76 -0.89
CA HIS B 68 -9.01 -5.12 0.34
C HIS B 68 -7.93 -5.12 1.40
N VAL B 69 -6.87 -5.89 1.19
CA VAL B 69 -5.85 -5.98 2.22
C VAL B 69 -4.38 -5.89 1.85
N TYR B 70 -4.03 -6.09 0.58
CA TYR B 70 -2.62 -6.06 0.20
C TYR B 70 -1.87 -4.77 0.48
N GLY B 71 -2.59 -3.72 0.89
CA GLY B 71 -1.93 -2.46 1.18
C GLY B 71 -1.56 -2.34 2.66
N LEU B 72 -2.04 -3.29 3.47
CA LEU B 72 -1.79 -3.28 4.92
C LEU B 72 -0.33 -3.39 5.36
N PRO B 73 0.41 -4.41 4.89
CA PRO B 73 1.81 -4.54 5.30
C PRO B 73 2.60 -3.25 5.04
N GLY B 74 2.49 -2.74 3.82
CA GLY B 74 3.19 -1.53 3.46
C GLY B 74 2.80 -0.35 4.33
N LEU B 75 1.52 -0.17 4.58
CA LEU B 75 1.07 0.94 5.40
C LEU B 75 1.60 0.83 6.83
N LEU B 76 1.49 -0.34 7.43
CA LEU B 76 1.98 -0.54 8.78
C LEU B 76 3.48 -0.28 8.84
N GLY B 77 4.18 -0.72 7.80
CA GLY B 77 5.62 -0.54 7.75
C GLY B 77 6.00 0.93 7.61
N SER B 78 5.33 1.65 6.72
CA SER B 78 5.65 3.07 6.55
C SER B 78 5.40 3.87 7.82
N ARG B 79 4.33 3.52 8.54
CA ARG B 79 3.99 4.23 9.77
C ARG B 79 5.13 4.07 10.77
N SER B 80 5.76 2.89 10.76
CA SER B 80 6.85 2.60 11.67
C SER B 80 8.10 3.32 11.21
N PHE B 81 8.36 3.27 9.91
CA PHE B 81 9.51 3.94 9.32
C PHE B 81 9.46 5.43 9.60
N GLN B 82 8.26 5.98 9.63
CA GLN B 82 8.08 7.41 9.86
C GLN B 82 8.05 7.81 11.33
N GLY B 83 8.25 6.85 12.23
CA GLY B 83 8.27 7.16 13.65
C GLY B 83 6.95 7.31 14.38
N GLY B 84 5.86 6.74 13.85
CA GLY B 84 4.59 6.83 14.52
C GLY B 84 4.70 6.02 15.80
N GLU B 85 4.18 6.54 16.91
CA GLU B 85 4.30 5.81 18.16
C GLU B 85 2.98 5.44 18.83
N ASP B 86 1.89 5.98 18.31
CA ASP B 86 0.57 5.68 18.86
C ASP B 86 0.10 4.31 18.46
N GLU B 87 -0.70 3.70 19.32
CA GLU B 87 -1.22 2.38 19.05
C GLU B 87 -2.12 2.38 17.83
N LEU B 88 -2.12 1.29 17.10
CA LEU B 88 -2.97 1.14 15.93
C LEU B 88 -3.60 -0.24 16.04
N THR B 89 -4.91 -0.32 15.80
CA THR B 89 -5.57 -1.61 15.86
C THR B 89 -6.17 -1.96 14.50
N VAL B 90 -6.00 -3.22 14.09
CA VAL B 90 -6.55 -3.67 12.82
C VAL B 90 -7.64 -4.65 13.19
N TYR B 91 -8.80 -4.51 12.56
CA TYR B 91 -9.93 -5.39 12.81
C TYR B 91 -10.20 -6.09 11.50
N GLY B 92 -10.45 -7.39 11.54
CA GLY B 92 -10.73 -8.08 10.30
C GLY B 92 -11.22 -9.49 10.49
N PRO B 93 -11.65 -10.14 9.40
CA PRO B 93 -12.15 -11.52 9.43
C PRO B 93 -10.96 -12.44 9.69
N LYS B 94 -11.25 -13.65 10.17
CA LYS B 94 -10.21 -14.64 10.46
C LYS B 94 -9.24 -14.73 9.31
N GLY B 95 -7.95 -14.72 9.64
CA GLY B 95 -6.93 -14.80 8.61
C GLY B 95 -6.13 -13.51 8.56
N ILE B 96 -6.71 -12.44 9.10
CA ILE B 96 -6.04 -11.14 9.10
C ILE B 96 -4.82 -11.16 10.01
N LYS B 97 -4.91 -11.92 11.10
CA LYS B 97 -3.79 -12.04 12.03
C LYS B 97 -2.59 -12.67 11.30
N ALA B 98 -2.79 -13.85 10.74
CA ALA B 98 -1.74 -14.56 10.03
C ALA B 98 -1.17 -13.72 8.91
N PHE B 99 -2.03 -13.10 8.12
CA PHE B 99 -1.56 -12.28 7.01
C PHE B 99 -0.60 -11.20 7.49
N ILE B 100 -1.01 -10.46 8.51
CA ILE B 100 -0.19 -9.39 9.05
C ILE B 100 1.06 -9.89 9.78
N GLU B 101 0.89 -10.82 10.72
CA GLU B 101 2.04 -11.31 11.46
C GLU B 101 3.12 -11.95 10.60
N THR B 102 2.70 -12.72 9.59
CA THR B 102 3.67 -13.36 8.70
C THR B 102 4.39 -12.34 7.84
N SER B 103 3.66 -11.33 7.37
CA SER B 103 4.29 -10.30 6.53
C SER B 103 5.35 -9.55 7.30
N LEU B 104 5.00 -9.06 8.49
CA LEU B 104 5.95 -8.31 9.29
C LEU B 104 7.13 -9.17 9.71
N ALA B 105 6.88 -10.45 9.98
CA ALA B 105 7.93 -11.36 10.40
C ALA B 105 8.96 -11.65 9.29
N VAL B 106 8.51 -12.02 8.10
CA VAL B 106 9.45 -12.32 7.02
C VAL B 106 10.21 -11.09 6.52
N THR B 107 9.66 -9.91 6.73
CA THR B 107 10.36 -8.71 6.28
C THR B 107 11.20 -8.12 7.40
N LYS B 108 11.30 -8.86 8.50
CA LYS B 108 12.07 -8.44 9.67
C LYS B 108 11.70 -7.05 10.17
N THR B 109 10.42 -6.73 10.12
CA THR B 109 9.92 -5.43 10.55
C THR B 109 9.69 -5.34 12.05
N HIS B 110 10.26 -4.32 12.67
CA HIS B 110 10.10 -4.08 14.10
C HIS B 110 9.37 -2.75 14.26
N LEU B 111 8.08 -2.84 14.53
CA LEU B 111 7.24 -1.66 14.68
C LEU B 111 7.62 -0.71 15.82
N THR B 112 7.60 0.59 15.52
CA THR B 112 7.93 1.60 16.52
C THR B 112 6.70 1.95 17.36
N TYR B 113 5.61 1.22 17.17
CA TYR B 113 4.39 1.50 17.91
C TYR B 113 3.68 0.20 18.26
N PRO B 114 2.75 0.24 19.24
CA PRO B 114 2.01 -0.95 19.64
C PRO B 114 1.00 -1.30 18.53
N LEU B 115 0.88 -2.58 18.22
CA LEU B 115 -0.05 -3.03 17.17
C LEU B 115 -1.00 -4.09 17.70
N ALA B 116 -2.28 -3.78 17.69
CA ALA B 116 -3.30 -4.74 18.15
C ALA B 116 -4.05 -5.25 16.93
N ILE B 117 -4.31 -6.56 16.89
CA ILE B 117 -5.05 -7.15 15.79
C ILE B 117 -6.23 -7.92 16.37
N GLN B 118 -7.43 -7.63 15.86
CA GLN B 118 -8.61 -8.30 16.34
C GLN B 118 -9.33 -9.07 15.23
N GLU B 119 -9.43 -10.38 15.37
CA GLU B 119 -10.16 -11.16 14.39
C GLU B 119 -11.58 -11.12 14.96
N ILE B 120 -12.41 -10.32 14.32
CA ILE B 120 -13.79 -10.06 14.74
C ILE B 120 -14.85 -11.12 14.48
N GLU B 121 -15.95 -10.97 15.22
CA GLU B 121 -17.12 -11.82 15.11
C GLU B 121 -18.29 -10.85 15.17
N GLU B 122 -19.44 -11.26 14.67
CA GLU B 122 -20.61 -10.39 14.69
C GLU B 122 -20.86 -9.84 16.10
N GLY B 123 -21.08 -8.54 16.19
CA GLY B 123 -21.33 -7.91 17.48
C GLY B 123 -20.56 -6.61 17.59
N ILE B 124 -20.39 -6.13 18.81
CA ILE B 124 -19.65 -4.89 19.04
C ILE B 124 -18.16 -5.18 18.95
N VAL B 125 -17.46 -4.56 18.00
CA VAL B 125 -16.02 -4.80 17.85
C VAL B 125 -15.14 -3.74 18.48
N PHE B 126 -15.76 -2.61 18.83
CA PHE B 126 -15.02 -1.55 19.49
C PHE B 126 -15.98 -0.57 20.14
N GLU B 127 -15.62 -0.11 21.33
CA GLU B 127 -16.44 0.86 22.02
C GLU B 127 -15.68 1.59 23.11
N ASP B 128 -15.93 2.89 23.20
CA ASP B 128 -15.35 3.72 24.24
C ASP B 128 -16.46 4.73 24.53
N ASP B 129 -16.17 5.78 25.28
CA ASP B 129 -17.23 6.75 25.59
C ASP B 129 -17.64 7.65 24.45
N GLN B 130 -16.96 7.54 23.30
CA GLN B 130 -17.25 8.41 22.18
C GLN B 130 -17.87 7.71 20.98
N PHE B 131 -17.45 6.48 20.74
CA PHE B 131 -17.92 5.71 19.59
C PHE B 131 -18.22 4.24 19.91
N ILE B 132 -19.05 3.64 19.08
CA ILE B 132 -19.34 2.23 19.21
C ILE B 132 -19.46 1.70 17.80
N VAL B 133 -18.62 0.72 17.49
CA VAL B 133 -18.60 0.10 16.17
C VAL B 133 -19.16 -1.31 16.23
N THR B 134 -20.15 -1.60 15.40
CA THR B 134 -20.72 -2.92 15.40
C THR B 134 -20.47 -3.54 14.04
N ALA B 135 -20.21 -4.85 14.04
CA ALA B 135 -19.95 -5.59 12.80
C ALA B 135 -21.05 -6.63 12.65
N VAL B 136 -21.52 -6.83 11.42
CA VAL B 136 -22.58 -7.78 11.13
C VAL B 136 -22.29 -8.62 9.90
N SER B 137 -22.59 -9.92 9.98
CA SER B 137 -22.40 -10.81 8.84
C SER B 137 -23.49 -10.39 7.87
N VAL B 138 -23.11 -9.78 6.76
CA VAL B 138 -24.10 -9.32 5.82
C VAL B 138 -24.73 -10.40 4.95
N ILE B 139 -23.90 -11.14 4.23
CA ILE B 139 -24.42 -12.19 3.37
C ILE B 139 -24.38 -13.53 4.10
N HIS B 140 -25.55 -14.17 4.17
CA HIS B 140 -25.73 -15.45 4.85
C HIS B 140 -24.50 -16.33 4.96
N GLY B 141 -24.02 -16.85 3.84
CA GLY B 141 -22.85 -17.71 3.90
C GLY B 141 -21.56 -17.08 3.43
N VAL B 142 -21.31 -15.83 3.80
CA VAL B 142 -20.09 -15.14 3.37
C VAL B 142 -19.23 -14.74 4.58
N GLU B 143 -17.92 -14.83 4.44
CA GLU B 143 -17.01 -14.46 5.53
C GLU B 143 -16.70 -12.96 5.44
N ALA B 144 -17.74 -12.18 5.18
CA ALA B 144 -17.62 -10.74 5.06
C ALA B 144 -18.41 -10.06 6.17
N PHE B 145 -18.02 -8.83 6.50
CA PHE B 145 -18.69 -8.08 7.56
C PHE B 145 -18.99 -6.66 7.11
N GLY B 146 -20.13 -6.15 7.55
CA GLY B 146 -20.51 -4.78 7.30
C GLY B 146 -20.21 -4.14 8.64
N TYR B 147 -19.91 -2.85 8.64
CA TYR B 147 -19.61 -2.14 9.88
C TYR B 147 -20.45 -0.89 10.02
N ARG B 148 -20.84 -0.61 11.24
CA ARG B 148 -21.56 0.63 11.54
C ARG B 148 -20.74 1.37 12.58
N VAL B 149 -20.23 2.52 12.20
CA VAL B 149 -19.48 3.36 13.12
C VAL B 149 -20.54 4.31 13.69
N GLN B 150 -20.82 4.19 14.98
CA GLN B 150 -21.82 5.04 15.61
C GLN B 150 -21.17 5.98 16.61
N GLU B 151 -21.28 7.28 16.31
CA GLU B 151 -20.75 8.29 17.21
C GLU B 151 -21.83 8.39 18.26
N LYS B 152 -21.44 8.35 19.54
CA LYS B 152 -22.43 8.43 20.60
C LYS B 152 -22.83 9.89 20.79
N ASP B 153 -24.04 10.11 21.30
CA ASP B 153 -24.48 11.47 21.53
C ASP B 153 -23.43 12.14 22.41
N VAL B 154 -23.07 13.37 22.06
CA VAL B 154 -22.06 14.12 22.80
C VAL B 154 -22.65 15.02 23.86
N PRO B 155 -22.13 14.94 25.10
CA PRO B 155 -22.62 15.78 26.20
C PRO B 155 -22.52 17.25 25.78
N GLY B 156 -23.51 18.03 26.15
CA GLY B 156 -23.50 19.44 25.80
C GLY B 156 -22.23 20.15 26.23
N SER B 157 -21.70 20.98 25.34
CA SER B 157 -20.49 21.73 25.65
C SER B 157 -20.78 22.84 26.67
N LEU B 158 -19.76 23.18 27.45
CA LEU B 158 -19.86 24.19 28.47
C LEU B 158 -19.92 25.61 27.89
N LYS B 159 -20.80 26.45 28.45
CA LYS B 159 -20.92 27.84 28.02
C LYS B 159 -19.90 28.64 28.82
N ALA B 160 -18.63 28.47 28.48
CA ALA B 160 -17.53 29.11 29.20
C ALA B 160 -17.49 30.63 29.20
N ASP B 161 -17.89 31.27 28.10
CA ASP B 161 -17.86 32.73 28.09
C ASP B 161 -18.83 33.29 29.13
N VAL B 162 -20.01 32.68 29.20
CA VAL B 162 -21.00 33.11 30.18
C VAL B 162 -20.45 32.98 31.60
N LEU B 163 -19.76 31.87 31.89
CA LEU B 163 -19.18 31.67 33.23
C LEU B 163 -18.14 32.75 33.53
N LYS B 164 -17.26 33.01 32.57
CA LYS B 164 -16.23 34.03 32.75
C LYS B 164 -16.90 35.39 32.95
N GLU B 165 -17.95 35.63 32.18
CA GLU B 165 -18.68 36.87 32.26
C GLU B 165 -19.37 37.03 33.60
N ASN B 167 -17.87 36.21 36.17
CA ASN B 167 -16.68 36.28 37.01
C ASN B 167 -16.32 34.92 37.60
N ILE B 168 -16.50 33.88 36.80
CA ILE B 168 -16.14 32.53 37.24
C ILE B 168 -15.01 32.08 36.31
N PRO B 169 -13.75 32.31 36.73
CA PRO B 169 -12.52 31.96 36.00
C PRO B 169 -12.34 30.46 35.79
N PRO B 170 -11.70 30.07 34.69
CA PRO B 170 -11.49 28.65 34.43
C PRO B 170 -10.75 28.00 35.60
N GLY B 171 -11.03 26.72 35.83
CA GLY B 171 -10.42 26.00 36.92
C GLY B 171 -11.17 24.73 37.24
N PRO B 172 -10.87 24.08 38.38
CA PRO B 172 -11.51 22.85 38.83
C PRO B 172 -13.04 22.91 38.81
N VAL B 173 -13.58 24.03 39.26
CA VAL B 173 -15.02 24.21 39.32
C VAL B 173 -15.67 23.98 37.95
N TYR B 174 -14.94 24.27 36.88
CA TYR B 174 -15.47 24.06 35.54
C TYR B 174 -15.83 22.59 35.30
N GLN B 175 -15.03 21.68 35.86
CA GLN B 175 -15.28 20.25 35.71
C GLN B 175 -16.57 19.84 36.40
N LYS B 176 -16.79 20.37 37.60
CA LYS B 176 -18.01 20.05 38.35
C LYS B 176 -19.23 20.60 37.63
N ILE B 177 -19.13 21.83 37.13
CA ILE B 177 -20.23 22.45 36.41
C ILE B 177 -20.56 21.58 35.21
N LYS B 178 -19.52 21.14 34.52
CA LYS B 178 -19.65 20.31 33.35
C LYS B 178 -20.45 19.03 33.68
N LYS B 179 -20.27 18.51 34.89
CA LYS B 179 -20.99 17.29 35.29
C LYS B 179 -22.42 17.56 35.76
N GLY B 180 -22.83 18.83 35.73
CA GLY B 180 -24.18 19.15 36.15
C GLY B 180 -24.32 19.25 37.65
N GLU B 181 -23.19 19.39 38.34
CA GLU B 181 -23.19 19.52 39.79
C GLU B 181 -23.59 20.93 40.22
N THR B 182 -24.09 21.05 41.44
CA THR B 182 -24.44 22.36 41.98
C THR B 182 -23.13 22.75 42.64
N VAL B 183 -22.72 23.99 42.43
CA VAL B 183 -21.45 24.45 42.98
C VAL B 183 -21.56 25.72 43.84
N THR B 184 -20.64 25.83 44.79
CA THR B 184 -20.58 27.00 45.67
C THR B 184 -19.38 27.83 45.21
N LEU B 185 -19.64 29.00 44.65
CA LEU B 185 -18.55 29.85 44.17
C LEU B 185 -17.82 30.54 45.31
N GLU B 186 -16.62 31.00 45.03
CA GLU B 186 -15.79 31.68 46.01
C GLU B 186 -16.49 32.84 46.72
N ASP B 187 -17.33 33.58 45.99
CA ASP B 187 -18.01 34.71 46.59
C ASP B 187 -19.31 34.33 47.29
N GLY B 188 -19.59 33.03 47.35
CA GLY B 188 -20.79 32.57 48.03
C GLY B 188 -21.98 32.22 47.18
N ARG B 189 -21.97 32.61 45.91
CA ARG B 189 -23.07 32.31 45.02
C ARG B 189 -23.19 30.80 44.83
N ILE B 190 -24.43 30.34 44.62
CA ILE B 190 -24.67 28.93 44.40
C ILE B 190 -25.13 28.79 42.96
N ILE B 191 -24.38 28.02 42.18
CA ILE B 191 -24.68 27.84 40.77
C ILE B 191 -25.03 26.41 40.42
N ASN B 192 -26.02 26.28 39.55
CA ASN B 192 -26.48 24.99 39.09
C ASN B 192 -25.80 24.74 37.74
N GLY B 193 -24.85 23.80 37.73
CA GLY B 193 -24.11 23.48 36.51
C GLY B 193 -24.91 23.27 35.24
N ASN B 194 -26.05 22.61 35.36
CA ASN B 194 -26.90 22.34 34.20
C ASN B 194 -27.38 23.58 33.48
N ASP B 195 -27.47 24.71 34.18
CA ASP B 195 -27.94 25.93 33.54
C ASP B 195 -26.89 26.49 32.59
N PHE B 196 -25.71 25.88 32.57
CA PHE B 196 -24.63 26.38 31.73
C PHE B 196 -24.07 25.39 30.70
N LEU B 197 -24.89 24.44 30.31
CA LEU B 197 -24.49 23.45 29.32
C LEU B 197 -25.43 23.51 28.13
N GLU B 198 -24.87 23.41 26.93
CA GLU B 198 -25.72 23.41 25.74
C GLU B 198 -26.34 22.03 25.59
N PRO B 199 -27.37 21.89 24.76
CA PRO B 199 -28.01 20.58 24.58
C PRO B 199 -27.00 19.57 24.03
N PRO B 200 -27.21 18.27 24.30
CA PRO B 200 -26.30 17.23 23.81
C PRO B 200 -26.27 17.20 22.28
N LYS B 201 -25.13 16.83 21.72
CA LYS B 201 -24.98 16.73 20.28
C LYS B 201 -25.38 15.32 19.85
N LYS B 202 -26.25 15.20 18.87
CA LYS B 202 -26.67 13.88 18.41
C LYS B 202 -25.53 13.26 17.61
N GLY B 203 -25.20 12.00 17.91
CA GLY B 203 -24.12 11.33 17.21
C GLY B 203 -24.44 10.99 15.76
N ARG B 204 -23.43 11.10 14.92
CA ARG B 204 -23.56 10.78 13.51
C ARG B 204 -23.21 9.31 13.33
N SER B 205 -23.52 8.77 12.15
CA SER B 205 -23.19 7.37 11.90
C SER B 205 -22.94 7.09 10.43
N VAL B 206 -21.90 6.30 10.17
CA VAL B 206 -21.54 5.88 8.82
C VAL B 206 -21.51 4.36 8.79
N VAL B 207 -22.09 3.78 7.73
CA VAL B 207 -22.11 2.33 7.58
C VAL B 207 -21.33 1.90 6.33
N PHE B 208 -20.51 0.87 6.48
CA PHE B 208 -19.72 0.33 5.38
C PHE B 208 -20.18 -1.10 5.13
N SER B 209 -20.77 -1.34 3.97
CA SER B 209 -21.33 -2.65 3.61
C SER B 209 -20.40 -3.86 3.51
N GLY B 210 -19.29 -3.73 2.78
CA GLY B 210 -18.37 -4.85 2.66
C GLY B 210 -18.67 -5.87 1.56
N ASP B 211 -19.84 -5.80 0.95
CA ASP B 211 -20.22 -6.72 -0.12
C ASP B 211 -21.22 -6.07 -1.08
N THR B 212 -21.30 -6.56 -2.31
CA THR B 212 -22.22 -6.00 -3.30
C THR B 212 -23.68 -6.41 -3.09
N ARG B 213 -23.91 -7.60 -2.55
CA ARG B 213 -25.26 -8.08 -2.32
C ARG B 213 -25.89 -7.34 -1.14
N VAL B 214 -27.21 -7.28 -1.10
CA VAL B 214 -27.91 -6.63 0.00
C VAL B 214 -28.70 -7.67 0.78
N SER B 215 -29.22 -7.28 1.93
CA SER B 215 -30.00 -8.18 2.77
C SER B 215 -30.69 -7.36 3.84
N ASP B 216 -31.61 -7.98 4.58
CA ASP B 216 -32.30 -7.27 5.64
C ASP B 216 -31.32 -6.91 6.73
N LYS B 217 -30.27 -7.72 6.86
CA LYS B 217 -29.26 -7.45 7.86
C LYS B 217 -28.61 -6.10 7.52
N LEU B 218 -28.36 -5.87 6.23
CA LEU B 218 -27.76 -4.61 5.79
C LEU B 218 -28.73 -3.48 6.10
N LYS B 219 -29.99 -3.67 5.74
CA LYS B 219 -31.00 -2.65 5.99
C LYS B 219 -31.04 -2.22 7.45
N GLU B 220 -31.10 -3.18 8.37
CA GLU B 220 -31.15 -2.83 9.78
C GLU B 220 -29.85 -2.23 10.27
N LEU B 221 -28.73 -2.72 9.74
CA LEU B 221 -27.43 -2.21 10.15
C LEU B 221 -27.32 -0.72 9.82
N ALA B 222 -27.89 -0.35 8.68
CA ALA B 222 -27.84 1.03 8.20
C ALA B 222 -29.04 1.90 8.60
N ARG B 223 -29.94 1.35 9.42
CA ARG B 223 -31.13 2.08 9.82
C ARG B 223 -30.84 3.48 10.38
N ASP B 224 -31.41 4.49 9.71
CA ASP B 224 -31.24 5.88 10.09
C ASP B 224 -29.81 6.39 10.11
N CYS B 225 -28.89 5.80 9.36
CA CYS B 225 -27.52 6.30 9.41
C CYS B 225 -27.38 7.55 8.54
N ASP B 226 -26.35 8.35 8.80
CA ASP B 226 -26.14 9.55 8.00
C ASP B 226 -25.64 9.16 6.61
N VAL B 227 -24.65 8.27 6.53
CA VAL B 227 -24.13 7.84 5.24
C VAL B 227 -23.90 6.33 5.13
N VAL B 229 -22.12 3.56 2.84
CA VAL B 229 -21.11 3.34 1.80
C VAL B 229 -21.27 1.89 1.37
N HIS B 230 -21.64 1.69 0.10
CA HIS B 230 -21.87 0.35 -0.42
C HIS B 230 -21.04 -0.02 -1.65
N GLU B 231 -20.71 -1.29 -1.79
CA GLU B 231 -19.94 -1.73 -2.95
C GLU B 231 -20.93 -1.95 -4.07
N ALA B 232 -20.80 -1.16 -5.13
CA ALA B 232 -21.72 -1.22 -6.25
C ALA B 232 -21.57 -2.36 -7.24
N THR B 233 -20.34 -2.81 -7.49
CA THR B 233 -20.17 -3.88 -8.46
C THR B 233 -19.19 -4.96 -8.05
N PHE B 234 -19.25 -6.07 -8.78
CA PHE B 234 -18.37 -7.21 -8.57
C PHE B 234 -17.23 -7.01 -9.56
N ALA B 235 -16.04 -7.45 -9.19
CA ALA B 235 -14.88 -7.36 -10.07
C ALA B 235 -14.93 -8.59 -10.97
N LYS B 236 -15.71 -8.51 -12.03
CA LYS B 236 -15.84 -9.64 -12.96
C LYS B 236 -16.68 -9.27 -14.17
N HIS B 247 -25.94 -3.17 -12.15
CA HIS B 247 -27.22 -2.55 -12.49
C HIS B 247 -28.21 -2.68 -11.33
N SER B 248 -28.87 -3.83 -11.24
CA SER B 248 -29.85 -4.08 -10.18
C SER B 248 -29.16 -4.02 -8.81
N THR B 249 -27.86 -4.33 -8.79
CA THR B 249 -27.10 -4.28 -7.56
C THR B 249 -27.25 -2.87 -7.01
N THR B 250 -26.92 -1.88 -7.84
CA THR B 250 -27.02 -0.48 -7.47
C THR B 250 -28.46 -0.14 -7.09
N GLU B 251 -29.41 -0.62 -7.88
CA GLU B 251 -30.81 -0.35 -7.61
C GLU B 251 -31.25 -0.92 -6.26
N GLN B 252 -30.71 -2.08 -5.91
CA GLN B 252 -31.05 -2.72 -4.64
C GLN B 252 -30.43 -1.96 -3.48
N ALA B 253 -29.21 -1.47 -3.69
CA ALA B 253 -28.52 -0.70 -2.67
C ALA B 253 -29.38 0.52 -2.38
N ALA B 254 -29.90 1.13 -3.44
CA ALA B 254 -30.73 2.32 -3.32
C ALA B 254 -32.04 2.00 -2.61
N VAL B 255 -32.63 0.85 -2.90
CA VAL B 255 -33.87 0.46 -2.23
C VAL B 255 -33.60 0.22 -0.74
N THR B 256 -32.46 -0.39 -0.46
CA THR B 256 -32.08 -0.66 0.92
C THR B 256 -31.93 0.67 1.68
N ALA B 257 -31.16 1.60 1.12
CA ALA B 257 -30.95 2.90 1.75
C ALA B 257 -32.27 3.61 2.01
N LYS B 258 -33.19 3.47 1.06
CA LYS B 258 -34.51 4.08 1.16
C LYS B 258 -35.29 3.50 2.33
N GLU B 259 -35.34 2.18 2.40
CA GLU B 259 -36.06 1.50 3.47
C GLU B 259 -35.41 1.67 4.84
N ALA B 260 -34.08 1.68 4.86
CA ALA B 260 -33.34 1.84 6.11
C ALA B 260 -33.41 3.29 6.56
N ARG B 261 -33.83 4.15 5.63
CA ARG B 261 -33.92 5.57 5.89
C ARG B 261 -32.53 6.17 6.13
N ALA B 262 -31.57 5.72 5.34
CA ALA B 262 -30.23 6.27 5.42
C ALA B 262 -30.37 7.68 4.84
N LYS B 263 -29.49 8.60 5.21
CA LYS B 263 -29.58 9.97 4.68
C LYS B 263 -28.87 10.15 3.33
N GLN B 264 -27.84 9.35 3.08
CA GLN B 264 -27.09 9.45 1.85
C GLN B 264 -26.51 8.10 1.49
N LEU B 265 -26.46 7.80 0.19
CA LEU B 265 -25.90 6.55 -0.29
C LEU B 265 -24.72 6.82 -1.21
N ILE B 266 -23.58 6.23 -0.87
CA ILE B 266 -22.36 6.37 -1.66
C ILE B 266 -21.98 5.00 -2.19
N LEU B 267 -21.87 4.90 -3.51
CA LEU B 267 -21.51 3.67 -4.19
C LEU B 267 -20.03 3.66 -4.53
N THR B 268 -19.32 2.62 -4.09
CA THR B 268 -17.90 2.50 -4.37
C THR B 268 -17.60 1.09 -4.89
N HIS B 269 -16.32 0.74 -5.01
CA HIS B 269 -15.93 -0.58 -5.52
C HIS B 269 -16.55 -0.80 -6.91
N ILE B 270 -16.22 0.11 -7.83
CA ILE B 270 -16.73 0.11 -9.21
C ILE B 270 -15.69 -0.49 -10.17
N SER B 271 -16.08 -1.53 -10.90
CA SER B 271 -15.16 -2.19 -11.82
C SER B 271 -14.84 -1.39 -13.08
N ALA B 272 -13.75 -1.76 -13.73
CA ALA B 272 -13.30 -1.09 -14.95
C ALA B 272 -14.40 -1.05 -16.01
N ARG B 273 -15.28 -2.05 -15.99
CA ARG B 273 -16.38 -2.13 -16.94
C ARG B 273 -17.15 -0.81 -17.01
N TYR B 274 -17.09 -0.03 -15.93
CA TYR B 274 -17.78 1.26 -15.86
C TYR B 274 -16.79 2.41 -15.96
N GLN B 275 -16.81 3.08 -17.11
CA GLN B 275 -15.91 4.21 -17.35
C GLN B 275 -16.64 5.49 -17.73
N GLY B 276 -16.16 6.60 -17.16
CA GLY B 276 -16.73 7.90 -17.44
C GLY B 276 -18.23 8.00 -17.31
N ASP B 277 -18.94 7.92 -18.43
CA ASP B 277 -20.39 8.03 -18.41
C ASP B 277 -21.06 6.84 -17.78
N ALA B 278 -20.46 5.66 -17.91
CA ALA B 278 -21.04 4.47 -17.32
C ALA B 278 -21.24 4.72 -15.83
N SER B 279 -20.23 5.31 -15.18
CA SER B 279 -20.30 5.60 -13.74
C SER B 279 -21.52 6.44 -13.42
N LEU B 280 -21.74 7.49 -14.20
CA LEU B 280 -22.88 8.37 -14.00
C LEU B 280 -24.19 7.62 -14.19
N GLU B 281 -24.18 6.62 -15.06
CA GLU B 281 -25.37 5.82 -15.28
C GLU B 281 -25.63 5.00 -14.02
N LEU B 282 -24.56 4.51 -13.41
CA LEU B 282 -24.67 3.75 -12.16
C LEU B 282 -25.33 4.65 -11.12
N GLN B 283 -24.80 5.87 -11.01
CA GLN B 283 -25.34 6.85 -10.06
C GLN B 283 -26.82 7.09 -10.34
N LYS B 284 -27.15 7.28 -11.62
CA LYS B 284 -28.53 7.53 -12.02
C LYS B 284 -29.46 6.40 -11.59
N GLU B 285 -28.99 5.15 -11.73
CA GLU B 285 -29.80 4.01 -11.33
C GLU B 285 -30.21 4.16 -9.87
N ALA B 286 -29.25 4.51 -9.02
CA ALA B 286 -29.50 4.70 -7.61
C ALA B 286 -30.38 5.93 -7.37
N VAL B 287 -30.00 7.05 -7.98
CA VAL B 287 -30.75 8.30 -7.83
C VAL B 287 -32.23 8.16 -8.12
N ASP B 288 -32.58 7.34 -9.12
CA ASP B 288 -33.98 7.15 -9.46
C ASP B 288 -34.81 6.59 -8.30
N VAL B 289 -34.15 5.84 -7.42
CA VAL B 289 -34.83 5.27 -6.27
C VAL B 289 -34.54 6.10 -5.02
N PHE B 290 -33.28 6.47 -4.83
CA PHE B 290 -32.84 7.23 -3.66
C PHE B 290 -32.08 8.46 -4.17
N PRO B 291 -32.77 9.60 -4.30
CA PRO B 291 -32.18 10.85 -4.79
C PRO B 291 -30.77 11.17 -4.30
N ASN B 292 -30.57 11.07 -2.99
CA ASN B 292 -29.26 11.42 -2.43
C ASN B 292 -28.20 10.31 -2.53
N SER B 293 -27.95 9.88 -3.76
CA SER B 293 -26.96 8.83 -4.04
C SER B 293 -25.76 9.38 -4.80
N VAL B 294 -24.59 8.81 -4.54
CA VAL B 294 -23.34 9.25 -5.16
C VAL B 294 -22.48 8.11 -5.68
N ALA B 295 -21.94 8.25 -6.89
CA ALA B 295 -21.02 7.23 -7.42
C ALA B 295 -19.64 7.81 -7.09
N ALA B 296 -19.02 7.27 -6.06
CA ALA B 296 -17.72 7.77 -5.62
C ALA B 296 -16.62 7.65 -6.66
N TYR B 297 -15.58 8.44 -6.49
CA TYR B 297 -14.43 8.41 -7.37
C TYR B 297 -13.22 8.73 -6.50
N ASP B 298 -12.04 8.28 -6.92
CA ASP B 298 -10.85 8.51 -6.14
C ASP B 298 -10.62 9.97 -5.75
N PHE B 299 -10.38 10.17 -4.46
CA PHE B 299 -10.13 11.46 -3.84
C PHE B 299 -11.40 12.28 -3.59
N LEU B 300 -12.55 11.68 -3.83
CA LEU B 300 -13.80 12.38 -3.52
C LEU B 300 -13.83 12.49 -2.01
N GLU B 301 -14.32 13.61 -1.48
CA GLU B 301 -14.44 13.78 -0.05
C GLU B 301 -15.87 14.19 0.27
N VAL B 302 -16.47 13.47 1.21
CA VAL B 302 -17.85 13.73 1.61
C VAL B 302 -17.91 14.16 3.07
N ASN B 303 -18.46 15.34 3.31
CA ASN B 303 -18.58 15.85 4.67
C ASN B 303 -19.77 15.18 5.37
N VAL B 304 -19.67 14.99 6.67
CA VAL B 304 -20.77 14.40 7.45
C VAL B 304 -21.05 15.36 8.59
N PRO B 305 -21.92 16.34 8.35
CA PRO B 305 -22.29 17.35 9.35
C PRO B 305 -23.30 16.84 10.35
N ARG B 306 -23.30 17.43 11.55
CA ARG B 306 -24.26 17.05 12.59
C ARG B 306 -25.60 17.70 12.25
N GLY B 307 -26.68 17.11 12.75
CA GLY B 307 -28.00 17.66 12.49
C GLY B 307 -28.30 17.77 11.00
#